data_8B2K
#
_entry.id   8B2K
#
_cell.length_a   82.431
_cell.length_b   112.183
_cell.length_c   62.598
_cell.angle_alpha   90.000
_cell.angle_beta   90.000
_cell.angle_gamma   90.000
#
_symmetry.space_group_name_H-M   'C 2 2 21'
#
loop_
_entity.id
_entity.type
_entity.pdbx_description
1 polymer '14-3-3 protein sigma'
2 polymer 'Rho-related GTP-binding protein RhoE'
3 non-polymer 'MAGNESIUM ION'
4 non-polymer 'CHLORIDE ION'
5 non-polymer 3-bromanyl-5-methanoyl-~{N}-methyl-~{N}-(2-sulfanylethyl)benzamide
6 water water
#
loop_
_entity_poly.entity_id
_entity_poly.type
_entity_poly.pdbx_seq_one_letter_code
_entity_poly.pdbx_strand_id
1 'polypeptide(L)'
;GAMGSMERASLIQKAKLAEQAERYEDMAAFMKGAVEKGEELSNEERNLLSVAYKNVVGGQRAAWRVLSSIEQKSNEEGSE
EKGPEVREYREKVETELQGVCDTVLGLLDSHLIKEAGDAESRVFYLKMKGDYYRYLAEVATGDDKKRIIDSARSAYQEAM
DISKKEMPPTNPIRLGLALNFSVFHYEIANSPEEAISLAKTTFDEAMADLHTLSEDSYKDSTLIMQLLRDNLTLWT
;
A
2 'polypeptide(L)' TDLRKDKAK(SEP)CTVM B
#
# COMPACT_ATOMS: atom_id res chain seq x y z
N GLY A 1 -16.40 1.85 19.27
CA GLY A 1 -15.35 0.93 18.86
C GLY A 1 -15.17 -0.19 19.87
N ALA A 2 -15.11 -1.43 19.36
CA ALA A 2 -14.96 -2.59 20.23
C ALA A 2 -13.64 -2.60 20.98
N MET A 3 -12.65 -1.79 20.55
CA MET A 3 -11.40 -1.65 21.29
C MET A 3 -11.37 -0.45 22.21
N GLY A 4 -12.48 0.29 22.35
CA GLY A 4 -12.49 1.48 23.16
C GLY A 4 -12.14 1.26 24.62
N SER A 5 -12.42 0.06 25.14
CA SER A 5 -12.13 -0.20 26.54
C SER A 5 -10.72 -0.73 26.79
N MET A 6 -9.93 -1.02 25.76
CA MET A 6 -8.59 -1.55 25.96
C MET A 6 -7.56 -0.44 25.94
N GLU A 7 -6.58 -0.53 26.84
CA GLU A 7 -5.48 0.43 26.89
C GLU A 7 -4.72 0.46 25.57
N ARG A 8 -4.25 1.67 25.20
CA ARG A 8 -3.44 1.80 24.00
C ARG A 8 -2.24 0.87 24.01
N ALA A 9 -1.52 0.81 25.14
CA ALA A 9 -0.32 -0.03 25.16
C ALA A 9 -0.67 -1.50 25.02
N SER A 10 -1.81 -1.93 25.57
CA SER A 10 -2.25 -3.31 25.43
C SER A 10 -2.64 -3.64 24.00
N LEU A 11 -3.25 -2.69 23.29
CA LEU A 11 -3.56 -2.89 21.88
C LEU A 11 -2.29 -3.09 21.07
N ILE A 12 -1.27 -2.27 21.32
N ILE A 12 -1.25 -2.32 21.35
CA ILE A 12 0.01 -2.41 20.65
CA ILE A 12 -0.01 -2.48 20.59
C ILE A 12 0.63 -3.77 20.95
C ILE A 12 0.70 -3.76 20.95
N GLN A 13 0.67 -4.15 22.24
CA GLN A 13 1.20 -5.44 22.63
C GLN A 13 0.48 -6.58 21.92
N LYS A 14 -0.85 -6.50 21.87
CA LYS A 14 -1.62 -7.57 21.23
C LYS A 14 -1.43 -7.56 19.72
N ALA A 15 -1.25 -6.39 19.10
CA ALA A 15 -0.93 -6.36 17.67
C ALA A 15 0.36 -7.12 17.39
N LYS A 16 1.35 -6.98 18.27
CA LYS A 16 2.60 -7.69 18.05
C LYS A 16 2.43 -9.19 18.24
N LEU A 17 1.62 -9.60 19.22
CA LEU A 17 1.33 -11.02 19.40
C LEU A 17 0.58 -11.57 18.20
N ALA A 18 -0.40 -10.82 17.70
CA ALA A 18 -1.16 -11.25 16.54
C ALA A 18 -0.25 -11.42 15.33
N GLU A 19 0.71 -10.51 15.14
CA GLU A 19 1.68 -10.68 14.06
C GLU A 19 2.45 -12.00 14.21
N GLN A 20 2.92 -12.29 15.43
CA GLN A 20 3.67 -13.53 15.66
C GLN A 20 2.83 -14.76 15.37
N ALA A 21 1.52 -14.68 15.63
CA ALA A 21 0.59 -15.78 15.40
C ALA A 21 0.00 -15.77 13.99
N GLU A 22 0.42 -14.83 13.15
CA GLU A 22 -0.08 -14.70 11.78
C GLU A 22 -1.60 -14.50 11.75
N ARG A 23 -2.11 -13.74 12.73
CA ARG A 23 -3.52 -13.41 12.83
C ARG A 23 -3.69 -11.95 12.41
N TYR A 24 -3.64 -11.73 11.11
CA TYR A 24 -3.52 -10.37 10.59
C TYR A 24 -4.82 -9.58 10.70
N GLU A 25 -5.98 -10.24 10.60
CA GLU A 25 -7.24 -9.56 10.86
C GLU A 25 -7.27 -9.01 12.28
N ASP A 26 -6.88 -9.84 13.26
CA ASP A 26 -6.80 -9.36 14.63
C ASP A 26 -5.80 -8.23 14.75
N MET A 27 -4.63 -8.40 14.12
CA MET A 27 -3.58 -7.37 14.19
C MET A 27 -4.15 -6.04 13.73
N ALA A 28 -4.88 -6.05 12.59
CA ALA A 28 -5.42 -4.82 12.04
C ALA A 28 -6.45 -4.22 12.97
N ALA A 29 -7.33 -5.05 13.55
CA ALA A 29 -8.31 -4.52 14.49
C ALA A 29 -7.65 -3.91 15.72
N PHE A 30 -6.59 -4.52 16.24
CA PHE A 30 -5.88 -3.92 17.36
C PHE A 30 -5.26 -2.58 16.99
N MET A 31 -4.64 -2.51 15.79
CA MET A 31 -4.00 -1.27 15.38
C MET A 31 -5.02 -0.18 15.07
N LYS A 32 -6.17 -0.54 14.49
CA LYS A 32 -7.25 0.43 14.33
C LYS A 32 -7.67 0.99 15.68
N GLY A 33 -7.84 0.13 16.68
CA GLY A 33 -8.14 0.61 18.02
C GLY A 33 -7.08 1.54 18.56
N ALA A 34 -5.81 1.21 18.31
CA ALA A 34 -4.74 2.09 18.79
C ALA A 34 -4.78 3.46 18.09
N VAL A 35 -5.00 3.48 16.77
CA VAL A 35 -5.11 4.76 16.08
C VAL A 35 -6.26 5.57 16.66
N GLU A 36 -7.39 4.92 16.94
CA GLU A 36 -8.57 5.63 17.40
C GLU A 36 -8.42 6.18 18.81
N LYS A 37 -7.35 5.83 19.53
CA LYS A 37 -7.06 6.52 20.79
C LYS A 37 -6.74 7.99 20.58
N GLY A 38 -6.35 8.39 19.37
CA GLY A 38 -6.18 9.79 19.04
C GLY A 38 -4.78 10.32 19.15
N GLU A 39 -3.83 9.55 19.66
CA GLU A 39 -2.45 9.99 19.74
C GLU A 39 -1.73 9.63 18.45
N GLU A 40 -0.70 10.40 18.14
CA GLU A 40 0.14 10.10 16.99
C GLU A 40 0.83 8.74 17.18
N LEU A 41 1.25 8.14 16.09
CA LEU A 41 1.91 6.83 16.11
C LEU A 41 3.41 7.02 15.98
N SER A 42 4.16 6.20 16.71
CA SER A 42 5.61 6.13 16.53
C SER A 42 5.97 5.40 15.23
N ASN A 43 7.26 5.42 14.90
CA ASN A 43 7.73 4.71 13.71
C ASN A 43 7.34 3.24 13.75
N GLU A 44 7.61 2.58 14.87
CA GLU A 44 7.29 1.16 14.99
C GLU A 44 5.79 0.93 14.88
N GLU A 45 4.98 1.82 15.48
CA GLU A 45 3.54 1.65 15.43
C GLU A 45 2.99 1.85 14.02
N ARG A 46 3.56 2.81 13.27
CA ARG A 46 3.15 2.98 11.88
C ARG A 46 3.44 1.73 11.08
N ASN A 47 4.60 1.11 11.32
CA ASN A 47 4.93 -0.12 10.62
C ASN A 47 3.95 -1.23 10.98
N LEU A 48 3.54 -1.34 12.24
CA LEU A 48 2.56 -2.36 12.62
C LEU A 48 1.24 -2.14 11.91
N LEU A 49 0.79 -0.88 11.84
CA LEU A 49 -0.45 -0.56 11.14
C LEU A 49 -0.38 -1.00 9.69
N SER A 50 0.71 -0.64 9.00
CA SER A 50 0.84 -0.95 7.59
C SER A 50 0.95 -2.45 7.34
N VAL A 51 1.75 -3.15 8.13
CA VAL A 51 1.90 -4.59 7.94
C VAL A 51 0.54 -5.29 8.12
N ALA A 52 -0.22 -4.89 9.13
CA ALA A 52 -1.48 -5.55 9.42
C ALA A 52 -2.43 -5.43 8.24
N TYR A 53 -2.67 -4.20 7.79
CA TYR A 53 -3.62 -3.99 6.71
C TYR A 53 -3.09 -4.50 5.37
N LYS A 54 -1.78 -4.46 5.14
CA LYS A 54 -1.25 -4.98 3.88
C LYS A 54 -1.51 -6.47 3.76
N ASN A 55 -1.38 -7.20 4.87
CA ASN A 55 -1.64 -8.61 4.87
C ASN A 55 -3.12 -8.90 4.69
N VAL A 56 -4.00 -8.15 5.37
CA VAL A 56 -5.43 -8.36 5.19
C VAL A 56 -5.85 -8.12 3.75
N VAL A 57 -5.51 -6.94 3.22
N VAL A 57 -5.53 -6.93 3.22
CA VAL A 57 -5.94 -6.61 1.87
CA VAL A 57 -5.96 -6.65 1.85
C VAL A 57 -5.21 -7.45 0.84
C VAL A 57 -5.25 -7.56 0.87
N GLY A 58 -4.00 -7.95 1.15
CA GLY A 58 -3.29 -8.80 0.21
C GLY A 58 -4.00 -10.12 0.00
N GLY A 59 -4.55 -10.68 1.07
CA GLY A 59 -5.33 -11.89 0.92
C GLY A 59 -6.60 -11.66 0.13
N GLN A 60 -7.26 -10.52 0.37
CA GLN A 60 -8.48 -10.21 -0.38
C GLN A 60 -8.18 -9.99 -1.85
N ARG A 61 -7.10 -9.29 -2.17
CA ARG A 61 -6.74 -9.04 -3.56
C ARG A 61 -6.41 -10.33 -4.28
N ALA A 62 -5.68 -11.24 -3.62
CA ALA A 62 -5.37 -12.51 -4.27
C ALA A 62 -6.64 -13.29 -4.54
N ALA A 63 -7.58 -13.30 -3.59
CA ALA A 63 -8.84 -14.02 -3.81
C ALA A 63 -9.66 -13.37 -4.91
N TRP A 64 -9.71 -12.04 -4.93
CA TRP A 64 -10.43 -11.33 -5.97
C TRP A 64 -9.88 -11.66 -7.34
N ARG A 65 -8.55 -11.76 -7.47
CA ARG A 65 -7.97 -12.07 -8.78
C ARG A 65 -8.34 -13.49 -9.22
N VAL A 66 -8.35 -14.44 -8.28
CA VAL A 66 -8.75 -15.80 -8.63
C VAL A 66 -10.17 -15.81 -9.16
N LEU A 67 -11.09 -15.16 -8.43
CA LEU A 67 -12.50 -15.14 -8.80
C LEU A 67 -12.74 -14.36 -10.08
N SER A 68 -12.02 -13.24 -10.26
N SER A 68 -12.02 -13.25 -10.26
CA SER A 68 -12.17 -12.46 -11.48
CA SER A 68 -12.16 -12.46 -11.48
C SER A 68 -11.73 -13.25 -12.71
C SER A 68 -11.73 -13.25 -12.70
N SER A 69 -10.66 -14.05 -12.56
CA SER A 69 -10.21 -14.87 -13.68
C SER A 69 -11.24 -15.93 -14.03
N ILE A 70 -11.85 -16.56 -13.01
CA ILE A 70 -12.90 -17.55 -13.26
C ILE A 70 -14.08 -16.89 -13.96
N GLU A 71 -14.46 -15.70 -13.50
CA GLU A 71 -15.59 -14.98 -14.09
C GLU A 71 -15.29 -14.63 -15.55
N GLN A 72 -14.07 -14.17 -15.83
CA GLN A 72 -13.72 -13.80 -17.20
C GLN A 72 -13.81 -15.02 -18.12
N LYS A 73 -13.34 -16.18 -17.64
CA LYS A 73 -13.45 -17.39 -18.43
C LYS A 73 -14.91 -17.79 -18.65
N SER A 74 -15.78 -17.52 -17.69
CA SER A 74 -17.20 -17.83 -17.85
C SER A 74 -17.84 -17.00 -18.96
N ASN A 75 -17.25 -15.85 -19.30
CA ASN A 75 -17.79 -14.97 -20.33
C ASN A 75 -17.11 -15.17 -21.68
N GLU A 76 -16.33 -16.24 -21.85
CA GLU A 76 -15.78 -16.59 -23.14
C GLU A 76 -16.84 -17.30 -23.98
N GLU A 77 -16.62 -17.26 -25.30
CA GLU A 77 -17.49 -18.00 -26.20
C GLU A 77 -17.28 -19.50 -26.01
N GLY A 78 -18.38 -20.25 -25.95
CA GLY A 78 -18.33 -21.68 -25.71
C GLY A 78 -18.42 -22.08 -24.26
N SER A 79 -18.36 -21.13 -23.33
CA SER A 79 -18.46 -21.44 -21.90
C SER A 79 -19.91 -21.61 -21.51
N GLU A 80 -20.19 -22.66 -20.74
CA GLU A 80 -21.55 -22.94 -20.30
C GLU A 80 -22.02 -21.88 -19.30
N GLU A 81 -23.32 -21.61 -19.34
CA GLU A 81 -23.92 -20.74 -18.34
C GLU A 81 -24.01 -21.48 -17.01
N LYS A 82 -23.45 -20.88 -15.96
CA LYS A 82 -23.45 -21.48 -14.63
C LYS A 82 -24.22 -20.66 -13.62
N GLY A 83 -24.95 -19.63 -14.07
CA GLY A 83 -25.74 -18.82 -13.19
C GLY A 83 -24.96 -17.66 -12.60
N PRO A 84 -25.56 -17.01 -11.60
CA PRO A 84 -24.99 -15.77 -11.06
C PRO A 84 -23.94 -15.97 -9.99
N GLU A 85 -23.61 -17.21 -9.62
CA GLU A 85 -22.83 -17.45 -8.40
C GLU A 85 -21.41 -16.89 -8.48
N VAL A 86 -20.73 -17.02 -9.61
CA VAL A 86 -19.36 -16.53 -9.70
C VAL A 86 -19.33 -15.02 -9.53
N ARG A 87 -20.19 -14.32 -10.26
CA ARG A 87 -20.28 -12.87 -10.13
C ARG A 87 -20.66 -12.48 -8.70
N GLU A 88 -21.64 -13.18 -8.13
CA GLU A 88 -22.08 -12.84 -6.77
C GLU A 88 -20.93 -12.98 -5.79
N TYR A 89 -20.16 -14.06 -5.88
CA TYR A 89 -19.11 -14.27 -4.91
C TYR A 89 -17.92 -13.33 -5.15
N ARG A 90 -17.57 -13.07 -6.42
CA ARG A 90 -16.58 -12.04 -6.71
C ARG A 90 -17.01 -10.69 -6.13
N GLU A 91 -18.30 -10.35 -6.27
CA GLU A 91 -18.81 -9.09 -5.72
C GLU A 91 -18.72 -9.08 -4.20
N LYS A 92 -18.97 -10.22 -3.56
CA LYS A 92 -18.87 -10.29 -2.10
C LYS A 92 -17.45 -9.99 -1.65
N VAL A 93 -16.48 -10.67 -2.25
CA VAL A 93 -15.08 -10.44 -1.91
C VAL A 93 -14.69 -9.01 -2.23
N GLU A 94 -15.15 -8.49 -3.38
CA GLU A 94 -14.83 -7.12 -3.76
C GLU A 94 -15.37 -6.12 -2.74
N THR A 95 -16.60 -6.32 -2.27
CA THR A 95 -17.18 -5.40 -1.31
C THR A 95 -16.41 -5.42 0.01
N GLU A 96 -15.95 -6.60 0.42
N GLU A 96 -15.97 -6.60 0.43
CA GLU A 96 -15.16 -6.73 1.65
CA GLU A 96 -15.18 -6.67 1.65
C GLU A 96 -13.80 -6.04 1.50
C GLU A 96 -13.85 -5.95 1.46
N LEU A 97 -13.19 -6.17 0.32
CA LEU A 97 -11.93 -5.49 0.04
C LEU A 97 -12.12 -3.97 0.06
N GLN A 98 -13.16 -3.49 -0.61
CA GLN A 98 -13.43 -2.06 -0.61
C GLN A 98 -13.67 -1.55 0.80
N GLY A 99 -14.33 -2.35 1.64
CA GLY A 99 -14.55 -1.95 3.02
C GLY A 99 -13.26 -1.78 3.79
N VAL A 100 -12.31 -2.69 3.58
CA VAL A 100 -11.03 -2.56 4.28
C VAL A 100 -10.30 -1.31 3.77
N CYS A 101 -10.30 -1.08 2.46
CA CYS A 101 -9.66 0.13 1.93
C CYS A 101 -10.30 1.38 2.51
N ASP A 102 -11.63 1.42 2.56
CA ASP A 102 -12.32 2.58 3.13
C ASP A 102 -11.98 2.76 4.60
N THR A 103 -11.81 1.65 5.33
CA THR A 103 -11.43 1.76 6.74
C THR A 103 -10.04 2.39 6.89
N VAL A 104 -9.08 1.93 6.09
CA VAL A 104 -7.73 2.50 6.18
C VAL A 104 -7.74 3.97 5.78
N LEU A 105 -8.40 4.27 4.66
CA LEU A 105 -8.48 5.66 4.22
C LEU A 105 -9.15 6.53 5.28
N GLY A 106 -10.15 5.98 5.97
CA GLY A 106 -10.80 6.73 7.03
C GLY A 106 -9.88 7.03 8.20
N LEU A 107 -9.02 6.07 8.57
CA LEU A 107 -8.06 6.32 9.63
C LEU A 107 -7.07 7.40 9.22
N LEU A 108 -6.61 7.35 7.96
CA LEU A 108 -5.68 8.36 7.47
C LEU A 108 -6.32 9.74 7.49
N ASP A 109 -7.60 9.84 7.12
CA ASP A 109 -8.29 11.11 7.09
C ASP A 109 -8.75 11.59 8.45
N SER A 110 -8.88 10.70 9.42
CA SER A 110 -9.44 11.04 10.74
C SER A 110 -8.61 10.31 11.80
N HIS A 111 -7.43 10.84 12.12
CA HIS A 111 -6.84 12.12 11.70
C HIS A 111 -5.33 11.99 11.54
N LEU A 112 -4.87 10.84 11.05
CA LEU A 112 -3.42 10.59 11.02
C LEU A 112 -2.68 11.60 10.17
N ILE A 113 -3.14 11.85 8.93
CA ILE A 113 -2.39 12.72 8.03
C ILE A 113 -2.31 14.14 8.57
N LYS A 114 -3.43 14.69 9.03
CA LYS A 114 -3.43 16.10 9.42
C LYS A 114 -2.52 16.38 10.60
N GLU A 115 -2.26 15.37 11.43
N GLU A 115 -2.26 15.41 11.47
CA GLU A 115 -1.43 15.47 12.63
CA GLU A 115 -1.34 15.69 12.58
C GLU A 115 0.04 15.12 12.37
C GLU A 115 0.11 15.35 12.28
N ALA A 116 0.37 14.69 11.14
CA ALA A 116 1.71 14.22 10.80
C ALA A 116 2.53 15.35 10.20
N GLY A 117 3.50 15.85 10.95
CA GLY A 117 4.31 16.98 10.54
C GLY A 117 5.72 16.62 10.12
N ASP A 118 6.28 15.56 10.68
CA ASP A 118 7.62 15.16 10.27
C ASP A 118 7.56 14.44 8.94
N ALA A 119 8.61 14.57 8.14
CA ALA A 119 8.59 13.99 6.80
C ALA A 119 8.39 12.48 6.85
N GLU A 120 9.02 11.80 7.82
CA GLU A 120 8.93 10.35 7.86
C GLU A 120 7.51 9.87 8.10
N SER A 121 6.75 10.58 8.93
CA SER A 121 5.38 10.17 9.16
C SER A 121 4.47 10.62 8.02
N ARG A 122 4.61 11.85 7.56
CA ARG A 122 3.70 12.37 6.54
C ARG A 122 3.85 11.61 5.23
N VAL A 123 5.09 11.37 4.79
CA VAL A 123 5.30 10.58 3.57
C VAL A 123 4.73 9.18 3.73
N PHE A 124 4.96 8.55 4.88
CA PHE A 124 4.44 7.21 5.12
C PHE A 124 2.92 7.16 4.95
N TYR A 125 2.21 8.12 5.56
CA TYR A 125 0.76 8.09 5.51
C TYR A 125 0.24 8.42 4.12
N LEU A 126 0.89 9.37 3.43
CA LEU A 126 0.46 9.69 2.07
C LEU A 126 0.71 8.54 1.10
N LYS A 127 1.83 7.82 1.29
CA LYS A 127 2.05 6.60 0.52
C LYS A 127 0.92 5.61 0.77
N MET A 128 0.55 5.41 2.04
N MET A 128 0.55 5.41 2.03
CA MET A 128 -0.55 4.51 2.35
CA MET A 128 -0.56 4.49 2.33
C MET A 128 -1.84 4.95 1.68
C MET A 128 -1.84 4.95 1.64
N LYS A 129 -2.12 6.26 1.68
CA LYS A 129 -3.31 6.76 1.03
C LYS A 129 -3.30 6.43 -0.47
N GLY A 130 -2.14 6.63 -1.12
CA GLY A 130 -2.03 6.23 -2.52
C GLY A 130 -2.24 4.74 -2.72
N ASP A 131 -1.65 3.92 -1.84
CA ASP A 131 -1.79 2.47 -1.97
C ASP A 131 -3.24 2.02 -1.87
N TYR A 132 -3.99 2.53 -0.89
CA TYR A 132 -5.35 2.01 -0.72
C TYR A 132 -6.29 2.55 -1.78
N TYR A 133 -6.06 3.77 -2.29
CA TYR A 133 -6.77 4.17 -3.51
C TYR A 133 -6.38 3.30 -4.70
N ARG A 134 -5.10 2.90 -4.79
CA ARG A 134 -4.69 2.00 -5.86
C ARG A 134 -5.41 0.67 -5.78
N TYR A 135 -5.57 0.12 -4.57
CA TYR A 135 -6.29 -1.15 -4.46
C TYR A 135 -7.77 -0.97 -4.82
N LEU A 136 -8.38 0.16 -4.46
CA LEU A 136 -9.72 0.47 -4.95
C LEU A 136 -9.74 0.55 -6.47
N ALA A 137 -8.70 1.12 -7.07
CA ALA A 137 -8.66 1.28 -8.52
C ALA A 137 -8.53 -0.07 -9.23
N GLU A 138 -7.88 -1.04 -8.59
CA GLU A 138 -7.71 -2.35 -9.20
C GLU A 138 -9.05 -3.01 -9.48
N VAL A 139 -10.07 -2.72 -8.68
CA VAL A 139 -11.38 -3.36 -8.82
C VAL A 139 -12.43 -2.42 -9.38
N ALA A 140 -12.08 -1.16 -9.64
CA ALA A 140 -13.05 -0.18 -10.08
C ALA A 140 -13.36 -0.36 -11.56
N THR A 141 -14.65 -0.24 -11.91
CA THR A 141 -15.11 -0.38 -13.29
C THR A 141 -16.18 0.64 -13.66
N GLY A 142 -16.56 1.54 -12.75
CA GLY A 142 -17.67 2.43 -12.96
C GLY A 142 -17.25 3.86 -13.23
N ASP A 143 -18.20 4.77 -12.98
CA ASP A 143 -18.04 6.18 -13.35
C ASP A 143 -17.11 6.95 -12.42
N ASP A 144 -16.76 6.38 -11.27
CA ASP A 144 -15.83 7.01 -10.35
C ASP A 144 -14.39 6.51 -10.52
N LYS A 145 -14.17 5.58 -11.47
CA LYS A 145 -12.84 5.00 -11.64
C LYS A 145 -11.78 6.07 -11.87
N LYS A 146 -12.07 7.02 -12.75
CA LYS A 146 -11.08 8.06 -13.02
C LYS A 146 -10.78 8.87 -11.76
N ARG A 147 -11.80 9.16 -10.94
CA ARG A 147 -11.52 9.93 -9.74
C ARG A 147 -10.75 9.11 -8.70
N ILE A 148 -10.99 7.80 -8.64
CA ILE A 148 -10.23 6.95 -7.72
C ILE A 148 -8.76 6.92 -8.13
N ILE A 149 -8.51 6.77 -9.44
CA ILE A 149 -7.14 6.79 -9.94
C ILE A 149 -6.49 8.12 -9.65
N ASP A 150 -7.23 9.22 -9.84
CA ASP A 150 -6.62 10.52 -9.56
C ASP A 150 -6.36 10.74 -8.08
N SER A 151 -7.20 10.18 -7.21
CA SER A 151 -6.93 10.27 -5.78
C SER A 151 -5.64 9.53 -5.41
N ALA A 152 -5.43 8.36 -5.99
CA ALA A 152 -4.17 7.65 -5.75
C ALA A 152 -2.99 8.48 -6.25
N ARG A 153 -3.08 8.98 -7.49
N ARG A 153 -3.09 8.98 -7.48
CA ARG A 153 -2.00 9.77 -8.07
CA ARG A 153 -2.02 9.77 -8.08
C ARG A 153 -1.68 10.99 -7.22
C ARG A 153 -1.68 10.99 -7.23
N SER A 154 -2.71 11.70 -6.76
CA SER A 154 -2.49 12.92 -6.01
C SER A 154 -1.79 12.64 -4.68
N ALA A 155 -2.19 11.57 -3.98
CA ALA A 155 -1.53 11.24 -2.73
C ALA A 155 -0.07 10.84 -2.95
N TYR A 156 0.17 9.98 -3.94
CA TYR A 156 1.55 9.61 -4.26
C TYR A 156 2.38 10.84 -4.63
N GLN A 157 1.80 11.75 -5.41
CA GLN A 157 2.57 12.89 -5.88
C GLN A 157 2.95 13.79 -4.71
N GLU A 158 2.01 14.04 -3.79
CA GLU A 158 2.36 14.83 -2.60
C GLU A 158 3.45 14.15 -1.78
N ALA A 159 3.35 12.83 -1.60
CA ALA A 159 4.38 12.10 -0.87
C ALA A 159 5.73 12.20 -1.58
N MET A 160 5.74 12.08 -2.91
N MET A 160 5.72 12.10 -2.90
CA MET A 160 6.99 12.20 -3.64
CA MET A 160 6.94 12.20 -3.69
C MET A 160 7.60 13.58 -3.46
C MET A 160 7.59 13.57 -3.51
N ASP A 161 6.77 14.63 -3.56
CA ASP A 161 7.32 15.97 -3.46
C ASP A 161 7.98 16.19 -2.10
N ILE A 162 7.33 15.74 -1.02
CA ILE A 162 7.92 15.86 0.31
C ILE A 162 9.18 15.01 0.42
N SER A 163 9.12 13.77 -0.08
CA SER A 163 10.26 12.86 0.09
C SER A 163 11.50 13.38 -0.62
N LYS A 164 11.32 13.98 -1.80
CA LYS A 164 12.47 14.49 -2.53
C LYS A 164 13.09 15.69 -1.81
N LYS A 165 12.28 16.52 -1.17
N LYS A 165 12.27 16.50 -1.15
CA LYS A 165 12.83 17.67 -0.46
CA LYS A 165 12.74 17.69 -0.46
C LYS A 165 13.48 17.28 0.85
C LYS A 165 13.34 17.39 0.90
N GLU A 166 12.87 16.35 1.59
CA GLU A 166 13.19 16.16 3.00
C GLU A 166 13.92 14.88 3.37
N MET A 167 14.15 13.98 2.44
N MET A 167 14.07 13.93 2.45
CA MET A 167 14.71 12.69 2.80
CA MET A 167 14.67 12.64 2.75
C MET A 167 15.76 12.28 1.78
C MET A 167 15.81 12.37 1.79
N PRO A 168 16.81 11.59 2.22
CA PRO A 168 17.86 11.17 1.30
C PRO A 168 17.33 10.14 0.32
N PRO A 169 17.98 10.00 -0.85
CA PRO A 169 17.47 9.07 -1.87
C PRO A 169 17.53 7.62 -1.46
N THR A 170 18.26 7.29 -0.40
CA THR A 170 18.30 5.91 0.08
C THR A 170 17.30 5.63 1.20
N ASN A 171 16.55 6.62 1.66
CA ASN A 171 15.64 6.39 2.77
C ASN A 171 14.63 5.29 2.41
N PRO A 172 14.45 4.26 3.24
CA PRO A 172 13.55 3.16 2.86
C PRO A 172 12.11 3.58 2.60
N ILE A 173 11.59 4.59 3.31
CA ILE A 173 10.23 5.05 3.04
C ILE A 173 10.17 5.71 1.66
N ARG A 174 11.14 6.58 1.37
CA ARG A 174 11.22 7.18 0.04
C ARG A 174 11.32 6.12 -1.04
N LEU A 175 12.15 5.10 -0.82
CA LEU A 175 12.31 4.05 -1.82
C LEU A 175 11.04 3.24 -2.01
N GLY A 176 10.38 2.85 -0.92
CA GLY A 176 9.16 2.07 -1.03
C GLY A 176 8.04 2.86 -1.68
N LEU A 177 7.97 4.15 -1.39
CA LEU A 177 7.02 5.03 -2.06
C LEU A 177 7.27 5.04 -3.57
N ALA A 178 8.51 5.24 -3.98
CA ALA A 178 8.81 5.30 -5.40
C ALA A 178 8.51 3.97 -6.07
N LEU A 179 8.83 2.86 -5.40
CA LEU A 179 8.46 1.54 -5.90
C LEU A 179 6.96 1.45 -6.15
N ASN A 180 6.16 1.81 -5.15
CA ASN A 180 4.71 1.67 -5.29
C ASN A 180 4.14 2.64 -6.32
N PHE A 181 4.67 3.86 -6.41
CA PHE A 181 4.19 4.80 -7.41
C PHE A 181 4.54 4.28 -8.81
N SER A 182 5.71 3.66 -8.96
N SER A 182 5.72 3.67 -8.97
CA SER A 182 6.06 3.06 -10.25
CA SER A 182 6.03 3.09 -10.27
C SER A 182 5.13 1.92 -10.62
C SER A 182 5.03 1.98 -10.62
N VAL A 183 4.66 1.15 -9.63
CA VAL A 183 3.67 0.10 -9.89
C VAL A 183 2.33 0.72 -10.29
N PHE A 184 1.92 1.79 -9.60
CA PHE A 184 0.75 2.55 -10.00
C PHE A 184 0.81 2.95 -11.46
N HIS A 185 1.93 3.53 -11.90
CA HIS A 185 2.04 3.96 -13.29
C HIS A 185 1.88 2.78 -14.24
N TYR A 186 2.52 1.65 -13.92
CA TYR A 186 2.52 0.50 -14.83
C TYR A 186 1.17 -0.19 -14.85
N GLU A 187 0.60 -0.45 -13.68
CA GLU A 187 -0.56 -1.33 -13.55
C GLU A 187 -1.90 -0.61 -13.55
N ILE A 188 -1.94 0.66 -13.16
CA ILE A 188 -3.18 1.41 -13.01
C ILE A 188 -3.31 2.49 -14.08
N ALA A 189 -2.27 3.29 -14.27
CA ALA A 189 -2.35 4.49 -15.09
C ALA A 189 -1.97 4.28 -16.54
N ASN A 190 -1.72 3.03 -16.95
CA ASN A 190 -1.39 2.75 -18.36
C ASN A 190 -0.20 3.60 -18.82
N SER A 191 0.80 3.74 -17.96
CA SER A 191 1.97 4.57 -18.23
C SER A 191 3.24 3.78 -17.98
N PRO A 192 3.49 2.73 -18.76
CA PRO A 192 4.69 1.91 -18.51
C PRO A 192 6.00 2.69 -18.65
N GLU A 193 6.09 3.65 -19.56
CA GLU A 193 7.33 4.43 -19.69
C GLU A 193 7.60 5.27 -18.44
N GLU A 194 6.55 5.86 -17.86
CA GLU A 194 6.72 6.60 -16.62
C GLU A 194 7.15 5.67 -15.49
N ALA A 195 6.58 4.47 -15.44
CA ALA A 195 6.96 3.49 -14.42
C ALA A 195 8.44 3.14 -14.53
N ILE A 196 8.89 2.87 -15.76
CA ILE A 196 10.28 2.49 -15.99
C ILE A 196 11.21 3.66 -15.63
N SER A 197 10.87 4.87 -16.08
N SER A 197 10.88 4.86 -16.10
CA SER A 197 11.71 6.04 -15.80
CA SER A 197 11.70 6.02 -15.81
C SER A 197 11.82 6.31 -14.31
C SER A 197 11.83 6.23 -14.30
N LEU A 198 10.70 6.17 -13.58
CA LEU A 198 10.75 6.41 -12.15
C LEU A 198 11.57 5.34 -11.45
N ALA A 199 11.38 4.08 -11.82
CA ALA A 199 12.17 3.02 -11.16
C ALA A 199 13.67 3.19 -11.43
N LYS A 200 14.03 3.54 -12.67
CA LYS A 200 15.44 3.69 -13.01
C LYS A 200 16.07 4.89 -12.30
N THR A 201 15.42 6.05 -12.34
CA THR A 201 15.96 7.22 -11.66
C THR A 201 16.06 6.99 -10.16
N THR A 202 15.05 6.35 -9.56
CA THR A 202 15.10 6.06 -8.13
C THR A 202 16.26 5.14 -7.81
N PHE A 203 16.43 4.06 -8.58
CA PHE A 203 17.53 3.14 -8.35
C PHE A 203 18.86 3.84 -8.45
N ASP A 204 19.06 4.62 -9.50
CA ASP A 204 20.36 5.23 -9.75
C ASP A 204 20.70 6.27 -8.70
N GLU A 205 19.73 7.07 -8.27
CA GLU A 205 20.00 8.05 -7.23
C GLU A 205 20.28 7.39 -5.89
N ALA A 206 19.62 6.27 -5.60
CA ALA A 206 19.96 5.55 -4.38
C ALA A 206 21.36 4.97 -4.45
N MET A 207 21.71 4.35 -5.58
N MET A 207 21.70 4.34 -5.58
CA MET A 207 23.04 3.78 -5.74
CA MET A 207 23.03 3.81 -5.80
C MET A 207 24.13 4.81 -5.44
C MET A 207 24.10 4.83 -5.41
N ALA A 208 23.96 6.04 -5.92
CA ALA A 208 24.96 7.08 -5.73
C ALA A 208 25.07 7.55 -4.30
N ASP A 209 24.11 7.24 -3.44
CA ASP A 209 24.10 7.72 -2.06
C ASP A 209 24.44 6.59 -1.08
N LEU A 210 24.60 5.35 -1.55
CA LEU A 210 24.91 4.23 -0.67
C LEU A 210 26.20 4.45 0.11
N HIS A 211 27.17 5.18 -0.45
CA HIS A 211 28.47 5.36 0.19
C HIS A 211 28.35 6.07 1.54
N THR A 212 27.24 6.75 1.79
CA THR A 212 27.05 7.52 3.01
C THR A 212 26.54 6.67 4.18
N LEU A 213 26.17 5.42 3.92
CA LEU A 213 25.37 4.62 4.85
C LEU A 213 26.24 3.66 5.65
N SER A 214 25.75 3.34 6.85
CA SER A 214 26.27 2.24 7.63
C SER A 214 25.94 0.91 6.98
N GLU A 215 26.54 -0.17 7.48
CA GLU A 215 26.27 -1.49 6.96
C GLU A 215 24.79 -1.85 7.08
N ASP A 216 24.17 -1.54 8.22
CA ASP A 216 22.77 -1.90 8.40
C ASP A 216 21.85 -1.08 7.50
N SER A 217 22.12 0.22 7.38
CA SER A 217 21.30 1.05 6.48
C SER A 217 21.49 0.62 5.03
N TYR A 218 22.73 0.28 4.66
CA TYR A 218 22.99 -0.23 3.31
C TYR A 218 22.17 -1.47 3.02
N LYS A 219 22.06 -2.39 3.99
CA LYS A 219 21.24 -3.57 3.78
C LYS A 219 19.77 -3.20 3.58
N ASP A 220 19.26 -2.28 4.40
CA ASP A 220 17.86 -1.86 4.27
C ASP A 220 17.59 -1.27 2.89
N SER A 221 18.48 -0.37 2.44
CA SER A 221 18.24 0.31 1.18
C SER A 221 18.40 -0.62 -0.01
N THR A 222 19.45 -1.45 -0.01
CA THR A 222 19.67 -2.33 -1.15
C THR A 222 18.57 -3.37 -1.30
N LEU A 223 17.91 -3.77 -0.20
CA LEU A 223 16.79 -4.69 -0.30
C LEU A 223 15.69 -4.11 -1.18
N ILE A 224 15.35 -2.85 -0.96
CA ILE A 224 14.29 -2.23 -1.76
C ILE A 224 14.78 -1.92 -3.16
N MET A 225 16.06 -1.55 -3.31
CA MET A 225 16.57 -1.35 -4.65
C MET A 225 16.44 -2.61 -5.49
N GLN A 226 16.58 -3.78 -4.87
CA GLN A 226 16.46 -5.02 -5.63
C GLN A 226 15.04 -5.21 -6.15
N LEU A 227 14.03 -4.76 -5.40
CA LEU A 227 12.66 -4.80 -5.91
C LEU A 227 12.50 -3.91 -7.12
N LEU A 228 13.08 -2.71 -7.10
CA LEU A 228 13.05 -1.85 -8.28
C LEU A 228 13.72 -2.53 -9.46
N ARG A 229 14.88 -3.16 -9.22
CA ARG A 229 15.58 -3.88 -10.28
C ARG A 229 14.75 -5.04 -10.80
N ASP A 230 14.11 -5.79 -9.90
CA ASP A 230 13.26 -6.89 -10.33
C ASP A 230 12.16 -6.40 -11.28
N ASN A 231 11.52 -5.28 -10.94
CA ASN A 231 10.47 -4.75 -11.81
C ASN A 231 11.05 -4.28 -13.13
N LEU A 232 12.20 -3.59 -13.12
CA LEU A 232 12.81 -3.15 -14.37
C LEU A 232 13.13 -4.33 -15.27
N THR A 233 13.56 -5.46 -14.69
CA THR A 233 13.84 -6.65 -15.50
C THR A 233 12.55 -7.22 -16.08
N LEU A 234 11.47 -7.21 -15.29
CA LEU A 234 10.17 -7.67 -15.78
C LEU A 234 9.66 -6.77 -16.91
N TRP A 235 9.91 -5.46 -16.82
CA TRP A 235 9.26 -4.49 -17.67
C TRP A 235 10.04 -4.19 -18.94
N THR A 236 11.31 -4.60 -19.02
CA THR A 236 12.16 -4.29 -20.15
C THR A 236 12.75 -5.55 -20.77
N LYS B 7 2.21 -9.48 -12.48
CA LYS B 7 2.12 -8.66 -11.29
C LYS B 7 3.50 -8.16 -10.86
N ALA B 8 3.66 -6.84 -10.83
CA ALA B 8 4.92 -6.25 -10.40
C ALA B 8 5.03 -6.31 -8.88
N LYS B 9 6.26 -6.27 -8.40
CA LYS B 9 6.48 -6.29 -6.97
C LYS B 9 6.24 -4.91 -6.39
N CYS B 11 5.81 -2.74 -2.41
CA CYS B 11 6.56 -2.69 -1.16
C CYS B 11 5.84 -3.51 -0.07
N THR B 12 6.31 -4.75 0.13
CA THR B 12 5.75 -5.67 1.11
C THR B 12 6.86 -6.45 1.80
N VAL B 13 6.44 -7.26 2.79
CA VAL B 13 7.28 -8.19 3.57
C VAL B 13 8.64 -7.65 4.03
#